data_5K3S
#
_entry.id   5K3S
#
_cell.length_a   179.715
_cell.length_b   179.715
_cell.length_c   184.775
_cell.angle_alpha   90.00
_cell.angle_beta   90.00
_cell.angle_gamma   120.00
#
_symmetry.space_group_name_H-M   'P 64 2 2'
#
loop_
_entity.id
_entity.type
_entity.pdbx_description
1 polymer 'Acetolactate synthase, chloroplastic'
2 non-polymer 'MAGNESIUM ION'
3 non-polymer 'FLAVIN-ADENINE DINUCLEOTIDE'
4 non-polymer '2,6-bis[(4,6-dimethoxypyrimidin-2-yl)oxy]benzoic acid'
5 non-polymer '(3Z)-4-{[(4-AMINO-2-METHYLPYRIMIDIN-5-YL)METHYL]AMINO}-3-MERCAPTOPENT-3-EN-1-YL TRIHYDROGEN DIPHOSPHATE'
6 water water
#
_entity_poly.entity_id   1
_entity_poly.type   'polypeptide(L)'
_entity_poly.pdbx_seq_one_letter_code
;TFISRFAPDQPRKGADILVEALERQGVETVFAYPGGASMEIHQALTRSSSIRNVLPRHEQGGVFAAEGYARSSGKPGICI
ATSGPGATNLVSGLADALLDSVPLVAITGQVPRRMIGTDAFQETPIVEVTRSITKHNYLVMDVEDIPRIIEEAFFLATSG
RPGPVLVDVPKDIQQQLAIPNWEQAMRLPGYMSRMPKPPEDSHLEQIVRLISESKKPVLYVGGGCLNSSDELGRFVELTG
IPVASTLMGLGSYP(CSD)DDELSLHMLGMHGTVYANYAVEHSDLLLAFGVRFDDRVTGKLEAFASRAKIVHIDIDSAEI
GKNKTPHVSVCGDVKLALQGMNKVLENRAEELKLDFGVWRNELNVQKQKFPLSFKTFGEAIPPQYAIKVLDELTDGKAII
STGVGQHQMWAAQFYNYKKPRQWLSSGGLGAMGFGLPAAIGASVANPDAIVVDIDGDGSFIMNVQELATIRVENLPVKVL
LLNNQHLGMVMQWEDRFYKANRAHTFLGDPAQEDEIFPNMLLFAAACGIPAARVTKKADLREAIQTMLDTPGPYLLDVIC
PHQEHVLPMIPSGGTFNDVITEGDGRLEHHHHHH
;
_entity_poly.pdbx_strand_id   A
#
# COMPACT_ATOMS: atom_id res chain seq x y z
N THR A 1 -28.38 -16.14 4.59
CA THR A 1 -29.12 -15.46 5.64
C THR A 1 -28.27 -15.29 6.89
N PHE A 2 -28.49 -14.20 7.62
CA PHE A 2 -27.71 -13.90 8.81
C PHE A 2 -28.43 -14.34 10.09
N ILE A 3 -27.66 -14.85 11.04
CA ILE A 3 -28.22 -15.28 12.32
C ILE A 3 -27.66 -14.42 13.46
N SER A 4 -28.54 -13.66 14.10
CA SER A 4 -28.14 -12.78 15.20
C SER A 4 -28.05 -13.55 16.51
N ARG A 5 -27.39 -12.94 17.50
CA ARG A 5 -27.29 -13.54 18.82
C ARG A 5 -28.35 -12.94 19.75
N PHE A 6 -29.22 -12.12 19.18
CA PHE A 6 -30.28 -11.47 19.95
C PHE A 6 -31.64 -11.67 19.29
N ALA A 7 -32.69 -11.63 20.10
CA ALA A 7 -34.05 -11.71 19.58
C ALA A 7 -34.42 -10.39 18.89
N PRO A 8 -35.21 -10.48 17.81
CA PRO A 8 -35.63 -9.28 17.05
C PRO A 8 -36.44 -8.29 17.89
N ASP A 9 -37.00 -8.76 19.00
CA ASP A 9 -37.80 -7.89 19.88
C ASP A 9 -37.06 -7.57 21.16
N GLN A 10 -35.80 -7.98 21.24
CA GLN A 10 -35.00 -7.78 22.44
C GLN A 10 -34.06 -6.59 22.32
N PRO A 11 -34.18 -5.62 23.25
CA PRO A 11 -33.27 -4.48 23.32
C PRO A 11 -31.85 -4.91 23.68
N ARG A 12 -30.87 -4.14 23.22
CA ARG A 12 -29.46 -4.47 23.44
CA ARG A 12 -29.47 -4.45 23.53
C ARG A 12 -28.60 -3.20 23.37
N LYS A 13 -27.43 -3.23 23.99
CA LYS A 13 -26.53 -2.09 23.98
C LYS A 13 -26.13 -1.66 22.57
N GLY A 14 -25.88 -0.37 22.40
CA GLY A 14 -25.45 0.16 21.11
C GLY A 14 -24.13 -0.44 20.69
N ALA A 15 -23.31 -0.79 21.68
CA ALA A 15 -22.03 -1.44 21.41
C ALA A 15 -22.24 -2.81 20.77
N ASP A 16 -23.27 -3.52 21.21
CA ASP A 16 -23.60 -4.82 20.64
C ASP A 16 -24.19 -4.67 19.24
N ILE A 17 -24.92 -3.58 19.03
CA ILE A 17 -25.45 -3.28 17.71
C ILE A 17 -24.31 -3.00 16.74
N LEU A 18 -23.32 -2.25 17.21
CA LEU A 18 -22.15 -1.91 16.43
C LEU A 18 -21.39 -3.15 15.95
N VAL A 19 -21.15 -4.07 16.89
CA VAL A 19 -20.41 -5.30 16.58
C VAL A 19 -21.18 -6.18 15.60
N GLU A 20 -22.48 -6.32 15.81
CA GLU A 20 -23.32 -7.09 14.92
C GLU A 20 -23.37 -6.43 13.53
N ALA A 21 -23.30 -5.10 13.51
CA ALA A 21 -23.26 -4.37 12.26
C ALA A 21 -22.01 -4.72 11.48
N LEU A 22 -20.93 -5.01 12.20
CA LEU A 22 -19.69 -5.46 11.57
C LEU A 22 -19.81 -6.90 11.09
N GLU A 23 -20.49 -7.72 11.88
CA GLU A 23 -20.71 -9.12 11.52
C GLU A 23 -21.52 -9.24 10.23
N ARG A 24 -22.44 -8.32 10.03
CA ARG A 24 -23.30 -8.32 8.84
C ARG A 24 -22.55 -7.79 7.62
N GLN A 25 -21.41 -7.16 7.86
CA GLN A 25 -20.57 -6.67 6.77
C GLN A 25 -19.51 -7.70 6.40
N GLY A 26 -19.55 -8.85 7.06
CA GLY A 26 -18.64 -9.94 6.79
C GLY A 26 -17.27 -9.77 7.43
N VAL A 27 -17.18 -8.87 8.42
CA VAL A 27 -15.93 -8.63 9.11
C VAL A 27 -15.52 -9.85 9.93
N GLU A 28 -14.28 -10.30 9.71
CA GLU A 28 -13.76 -11.47 10.40
C GLU A 28 -12.63 -11.09 11.36
N THR A 29 -12.01 -9.95 11.10
CA THR A 29 -10.84 -9.53 11.86
C THR A 29 -10.84 -8.03 12.12
N VAL A 30 -10.60 -7.63 13.38
CA VAL A 30 -10.43 -6.23 13.73
C VAL A 30 -9.13 -6.04 14.48
N PHE A 31 -8.64 -4.80 14.51
CA PHE A 31 -7.43 -4.47 15.24
C PHE A 31 -7.74 -3.39 16.27
N ALA A 32 -8.16 -3.83 17.45
CA ALA A 32 -8.69 -2.92 18.46
C ALA A 32 -7.79 -2.81 19.68
N TYR A 33 -7.58 -1.57 20.14
CA TYR A 33 -6.83 -1.31 21.36
C TYR A 33 -7.75 -0.62 22.36
N PRO A 34 -8.03 -1.30 23.49
CA PRO A 34 -9.05 -0.87 24.45
C PRO A 34 -8.73 0.43 25.18
N GLY A 35 -9.78 1.11 25.63
CA GLY A 35 -9.66 2.32 26.41
C GLY A 35 -11.00 2.62 27.06
N GLY A 36 -11.01 3.56 28.01
CA GLY A 36 -12.21 3.87 28.77
C GLY A 36 -13.44 4.21 27.95
N ALA A 37 -13.23 4.89 26.83
CA ALA A 37 -14.35 5.34 25.99
C ALA A 37 -14.78 4.29 24.98
N SER A 38 -14.09 3.15 24.96
CA SER A 38 -14.40 2.10 23.99
C SER A 38 -14.52 0.73 24.65
N MET A 39 -14.62 0.71 25.98
CA MET A 39 -14.73 -0.54 26.72
C MET A 39 -15.97 -1.33 26.32
N GLU A 40 -17.09 -0.63 26.15
CA GLU A 40 -18.35 -1.26 25.79
C GLU A 40 -18.24 -2.01 24.47
N ILE A 41 -17.52 -1.42 23.51
CA ILE A 41 -17.30 -2.05 22.22
C ILE A 41 -16.46 -3.32 22.38
N HIS A 42 -15.41 -3.24 23.19
CA HIS A 42 -14.54 -4.38 23.44
C HIS A 42 -15.27 -5.49 24.18
N GLN A 43 -16.16 -5.11 25.09
CA GLN A 43 -17.00 -6.08 25.80
C GLN A 43 -17.90 -6.80 24.81
N ALA A 44 -18.44 -6.05 23.85
CA ALA A 44 -19.33 -6.60 22.85
C ALA A 44 -18.57 -7.50 21.88
N LEU A 45 -17.30 -7.20 21.66
CA LEU A 45 -16.46 -8.00 20.77
C LEU A 45 -16.24 -9.42 21.31
N THR A 46 -16.17 -9.53 22.63
CA THR A 46 -15.97 -10.83 23.27
C THR A 46 -17.20 -11.70 23.14
N ARG A 47 -18.36 -11.07 22.93
CA ARG A 47 -19.60 -11.79 22.78
C ARG A 47 -19.78 -12.32 21.35
N SER A 48 -18.92 -11.84 20.45
CA SER A 48 -18.95 -12.28 19.06
C SER A 48 -18.10 -13.53 18.88
N SER A 49 -18.67 -14.54 18.23
CA SER A 49 -17.97 -15.79 18.00
C SER A 49 -17.43 -15.88 16.57
N SER A 50 -17.48 -14.76 15.84
CA SER A 50 -17.06 -14.73 14.46
C SER A 50 -16.01 -13.66 14.19
N ILE A 51 -15.89 -12.69 15.10
CA ILE A 51 -14.91 -11.62 14.93
C ILE A 51 -13.69 -11.79 15.83
N ARG A 52 -12.53 -11.95 15.22
CA ARG A 52 -11.27 -12.07 15.94
C ARG A 52 -10.64 -10.69 16.12
N ASN A 53 -10.14 -10.43 17.33
CA ASN A 53 -9.43 -9.19 17.58
C ASN A 53 -7.93 -9.40 17.73
N VAL A 54 -7.15 -8.69 16.93
CA VAL A 54 -5.69 -8.70 17.09
C VAL A 54 -5.29 -7.45 17.85
N LEU A 55 -4.86 -7.64 19.10
CA LEU A 55 -4.46 -6.52 19.96
C LEU A 55 -3.04 -6.06 19.65
N PRO A 56 -2.91 -4.82 19.15
CA PRO A 56 -1.59 -4.24 18.90
C PRO A 56 -1.00 -3.68 20.18
N ARG A 57 0.19 -3.10 20.10
CA ARG A 57 0.80 -2.45 21.27
C ARG A 57 0.84 -0.94 21.06
N HIS A 58 0.22 -0.50 19.97
CA HIS A 58 0.13 0.91 19.63
C HIS A 58 -0.94 1.07 18.54
N GLU A 59 -1.78 2.10 18.67
CA GLU A 59 -2.87 2.28 17.72
C GLU A 59 -2.36 2.53 16.29
N GLN A 60 -1.21 3.16 16.17
CA GLN A 60 -0.60 3.36 14.86
C GLN A 60 -0.26 2.01 14.25
N GLY A 61 0.19 1.09 15.10
CA GLY A 61 0.43 -0.27 14.69
C GLY A 61 -0.90 -0.95 14.36
N GLY A 62 -1.96 -0.51 15.02
CA GLY A 62 -3.28 -1.05 14.81
C GLY A 62 -3.85 -0.69 13.45
N VAL A 63 -3.70 0.58 13.06
CA VAL A 63 -4.26 1.06 11.80
C VAL A 63 -3.39 0.61 10.61
N PHE A 64 -2.08 0.55 10.83
CA PHE A 64 -1.16 0.07 9.78
C PHE A 64 -1.39 -1.42 9.52
N ALA A 65 -1.77 -2.16 10.56
CA ALA A 65 -2.10 -3.56 10.41
C ALA A 65 -3.39 -3.71 9.60
N ALA A 66 -4.31 -2.79 9.81
CA ALA A 66 -5.56 -2.78 9.07
C ALA A 66 -5.30 -2.52 7.58
N GLU A 67 -4.29 -1.69 7.31
CA GLU A 67 -3.89 -1.41 5.93
C GLU A 67 -3.33 -2.65 5.25
N GLY A 68 -2.35 -3.28 5.90
CA GLY A 68 -1.74 -4.49 5.38
C GLY A 68 -2.77 -5.57 5.16
N TYR A 69 -3.72 -5.67 6.09
CA TYR A 69 -4.85 -6.59 5.96
C TYR A 69 -5.66 -6.26 4.71
N ALA A 70 -5.84 -4.96 4.45
CA ALA A 70 -6.63 -4.50 3.32
C ALA A 70 -5.86 -4.62 2.01
N ARG A 71 -4.62 -4.16 2.01
CA ARG A 71 -3.79 -4.14 0.80
C ARG A 71 -3.52 -5.55 0.26
N SER A 72 -3.54 -6.54 1.14
CA SER A 72 -3.16 -7.90 0.76
C SER A 72 -4.37 -8.81 0.56
N SER A 73 -5.57 -8.23 0.52
CA SER A 73 -6.78 -9.04 0.42
C SER A 73 -7.82 -8.42 -0.51
N GLY A 74 -7.92 -7.10 -0.51
CA GLY A 74 -8.95 -6.41 -1.26
C GLY A 74 -10.13 -6.13 -0.34
N LYS A 75 -10.13 -6.77 0.82
CA LYS A 75 -11.14 -6.52 1.84
C LYS A 75 -10.84 -5.20 2.56
N PRO A 76 -11.86 -4.59 3.18
CA PRO A 76 -11.58 -3.41 3.99
C PRO A 76 -10.91 -3.77 5.32
N GLY A 77 -9.97 -2.94 5.75
CA GLY A 77 -9.30 -3.14 7.02
C GLY A 77 -9.99 -2.38 8.14
N ILE A 78 -10.18 -3.02 9.28
CA ILE A 78 -10.89 -2.41 10.39
C ILE A 78 -10.03 -2.30 11.64
N CYS A 79 -9.86 -1.06 12.12
CA CYS A 79 -9.13 -0.81 13.36
C CYS A 79 -10.00 -0.02 14.32
N ILE A 80 -9.87 -0.31 15.62
CA ILE A 80 -10.66 0.36 16.63
C ILE A 80 -9.77 0.94 17.73
N ALA A 81 -10.05 2.19 18.12
CA ALA A 81 -9.30 2.84 19.18
C ALA A 81 -10.23 3.57 20.13
N THR A 82 -9.71 3.98 21.28
CA THR A 82 -10.49 4.75 22.24
C THR A 82 -10.43 6.23 21.91
N SER A 83 -11.11 7.05 22.70
CA SER A 83 -11.13 8.49 22.49
C SER A 83 -9.76 9.12 22.73
N GLY A 84 -9.63 10.40 22.38
CA GLY A 84 -8.44 11.18 22.68
C GLY A 84 -7.16 10.63 22.08
N PRO A 85 -6.23 10.21 22.96
CA PRO A 85 -4.90 9.73 22.56
C PRO A 85 -4.96 8.49 21.68
N GLY A 86 -5.98 7.66 21.87
CA GLY A 86 -6.17 6.49 21.04
C GLY A 86 -6.50 6.89 19.61
N ALA A 87 -7.39 7.87 19.49
CA ALA A 87 -7.83 8.34 18.17
C ALA A 87 -6.71 9.07 17.43
N THR A 88 -5.97 9.91 18.15
CA THR A 88 -4.90 10.70 17.54
C THR A 88 -3.73 9.84 17.07
N ASN A 89 -3.65 8.61 17.60
CA ASN A 89 -2.60 7.68 17.17
C ASN A 89 -2.95 6.99 15.86
N LEU A 90 -4.16 7.21 15.38
CA LEU A 90 -4.62 6.61 14.12
C LEU A 90 -4.37 7.53 12.94
N VAL A 91 -4.07 8.80 13.23
CA VAL A 91 -4.00 9.85 12.22
C VAL A 91 -3.10 9.52 11.03
N SER A 92 -1.88 9.07 11.30
CA SER A 92 -0.94 8.75 10.23
C SER A 92 -1.48 7.66 9.30
N GLY A 93 -2.15 6.67 9.88
CA GLY A 93 -2.72 5.58 9.11
C GLY A 93 -3.88 6.03 8.25
N LEU A 94 -4.67 6.96 8.76
CA LEU A 94 -5.80 7.50 8.02
C LEU A 94 -5.33 8.29 6.81
N ALA A 95 -4.35 9.16 7.04
CA ALA A 95 -3.76 9.95 5.97
C ALA A 95 -3.08 9.05 4.94
N ASP A 96 -2.46 7.98 5.44
CA ASP A 96 -1.79 7.01 4.58
C ASP A 96 -2.77 6.28 3.69
N ALA A 97 -3.91 5.89 4.26
CA ALA A 97 -4.92 5.15 3.52
C ALA A 97 -5.60 6.02 2.47
N LEU A 98 -5.66 7.33 2.73
CA LEU A 98 -6.30 8.25 1.81
C LEU A 98 -5.43 8.50 0.58
N LEU A 99 -4.13 8.67 0.80
CA LEU A 99 -3.21 8.97 -0.28
C LEU A 99 -2.96 7.76 -1.18
N ASP A 100 -3.03 6.56 -0.60
CA ASP A 100 -2.82 5.34 -1.37
C ASP A 100 -4.13 4.67 -1.73
N SER A 101 -5.24 5.33 -1.41
CA SER A 101 -6.58 4.85 -1.74
C SER A 101 -6.84 3.44 -1.20
N VAL A 102 -6.58 3.24 0.08
CA VAL A 102 -6.76 1.94 0.72
C VAL A 102 -8.09 1.88 1.46
N PRO A 103 -8.91 0.86 1.13
CA PRO A 103 -10.21 0.66 1.80
C PRO A 103 -10.03 0.34 3.28
N LEU A 104 -10.53 1.20 4.14
CA LEU A 104 -10.30 1.07 5.57
C LEU A 104 -11.41 1.73 6.39
N VAL A 105 -11.83 1.05 7.45
CA VAL A 105 -12.85 1.60 8.35
C VAL A 105 -12.31 1.71 9.77
N ALA A 106 -12.20 2.94 10.26
CA ALA A 106 -11.68 3.18 11.60
C ALA A 106 -12.80 3.60 12.55
N ILE A 107 -12.88 2.92 13.69
CA ILE A 107 -13.89 3.23 14.69
C ILE A 107 -13.23 3.71 15.99
N THR A 108 -13.61 4.91 16.43
CA THR A 108 -13.06 5.48 17.64
C THR A 108 -14.13 5.74 18.68
N GLY A 109 -13.79 5.48 19.95
CA GLY A 109 -14.68 5.81 21.05
C GLY A 109 -14.67 7.31 21.25
N GLN A 110 -15.66 7.81 21.99
CA GLN A 110 -15.78 9.24 22.23
C GLN A 110 -16.48 9.49 23.55
N VAL A 111 -16.17 10.62 24.18
CA VAL A 111 -16.86 11.06 25.39
C VAL A 111 -18.36 11.18 25.12
N PRO A 112 -19.19 11.09 26.18
CA PRO A 112 -20.64 11.25 26.02
C PRO A 112 -21.03 12.51 25.26
N ARG A 113 -22.16 12.44 24.55
CA ARG A 113 -22.62 13.53 23.71
C ARG A 113 -22.70 14.86 24.44
N ARG A 114 -23.17 14.82 25.68
CA ARG A 114 -23.34 16.04 26.48
C ARG A 114 -22.00 16.63 26.91
N MET A 115 -20.95 15.81 26.84
CA MET A 115 -19.63 16.24 27.29
C MET A 115 -18.74 16.68 26.13
N ILE A 116 -19.26 16.59 24.91
CA ILE A 116 -18.50 16.98 23.74
C ILE A 116 -18.36 18.50 23.65
N GLY A 117 -17.12 18.96 23.49
CA GLY A 117 -16.83 20.38 23.37
C GLY A 117 -16.61 21.05 24.72
N THR A 118 -16.38 20.24 25.75
CA THR A 118 -16.20 20.76 27.10
C THR A 118 -14.78 20.53 27.60
N ASP A 119 -13.87 20.22 26.69
CA ASP A 119 -12.50 19.85 27.03
C ASP A 119 -12.50 18.72 28.05
N ALA A 120 -13.36 17.73 27.82
CA ALA A 120 -13.56 16.63 28.76
C ALA A 120 -12.37 15.66 28.78
N PHE A 121 -12.45 14.67 29.67
CA PHE A 121 -11.39 13.69 29.82
C PHE A 121 -11.19 12.87 28.56
N GLN A 122 -9.96 12.92 28.02
CA GLN A 122 -9.60 12.21 26.80
C GLN A 122 -10.51 12.57 25.64
N GLU A 123 -10.89 13.84 25.54
CA GLU A 123 -11.73 14.27 24.43
C GLU A 123 -10.89 14.90 23.32
N THR A 124 -11.11 14.44 22.10
CA THR A 124 -10.47 15.01 20.93
C THR A 124 -11.50 15.15 19.81
N PRO A 125 -11.62 16.35 19.24
CA PRO A 125 -12.49 16.55 18.07
C PRO A 125 -11.95 15.81 16.85
N ILE A 126 -11.99 14.48 16.90
CA ILE A 126 -11.33 13.66 15.89
C ILE A 126 -11.99 13.79 14.52
N VAL A 127 -13.27 14.12 14.49
CA VAL A 127 -13.98 14.35 13.24
C VAL A 127 -13.47 15.62 12.58
N GLU A 128 -13.34 16.68 13.38
CA GLU A 128 -12.80 17.94 12.90
C GLU A 128 -11.34 17.77 12.44
N VAL A 129 -10.60 16.96 13.17
CA VAL A 129 -9.19 16.74 12.90
C VAL A 129 -8.97 15.92 11.62
N THR A 130 -9.79 14.89 11.43
CA THR A 130 -9.57 13.94 10.34
C THR A 130 -10.44 14.15 9.11
N ARG A 131 -11.14 15.28 9.04
CA ARG A 131 -12.03 15.53 7.91
C ARG A 131 -11.26 15.66 6.61
N SER A 132 -10.07 16.24 6.68
CA SER A 132 -9.26 16.47 5.48
C SER A 132 -8.36 15.30 5.13
N ILE A 133 -8.27 14.32 6.02
CA ILE A 133 -7.40 13.16 5.78
C ILE A 133 -8.17 11.84 5.77
N THR A 134 -9.48 11.93 5.59
CA THR A 134 -10.32 10.75 5.40
C THR A 134 -11.25 11.00 4.20
N LYS A 135 -11.79 9.93 3.61
CA LYS A 135 -12.70 10.01 2.48
C LYS A 135 -14.03 10.53 2.93
N HIS A 136 -14.49 9.91 4.02
CA HIS A 136 -15.66 10.44 4.72
C HIS A 136 -15.46 10.25 6.24
N ASN A 137 -16.12 11.00 7.13
CA ASN A 137 -16.20 10.54 8.52
C ASN A 137 -17.58 10.80 9.14
N TYR A 138 -17.85 10.12 10.24
CA TYR A 138 -19.13 10.26 10.96
C TYR A 138 -19.00 10.52 12.46
N LEU A 139 -19.96 11.27 13.00
CA LEU A 139 -20.14 11.38 14.45
C LEU A 139 -21.54 10.92 14.82
N VAL A 140 -21.63 9.73 15.41
CA VAL A 140 -22.91 9.12 15.76
C VAL A 140 -23.58 9.87 16.90
N MET A 141 -24.76 10.44 16.63
CA MET A 141 -25.47 11.23 17.62
C MET A 141 -26.72 10.51 18.14
N ASP A 142 -27.00 9.34 17.59
CA ASP A 142 -28.12 8.53 18.06
C ASP A 142 -27.82 7.05 17.85
N VAL A 143 -28.28 6.22 18.80
CA VAL A 143 -28.00 4.79 18.75
C VAL A 143 -28.69 4.13 17.55
N GLU A 144 -29.80 4.72 17.11
CA GLU A 144 -30.55 4.16 15.99
C GLU A 144 -29.90 4.46 14.64
N ASP A 145 -28.90 5.34 14.64
CA ASP A 145 -28.21 5.70 13.41
C ASP A 145 -27.01 4.78 13.14
N ILE A 146 -26.70 3.92 14.12
CA ILE A 146 -25.54 3.03 14.02
C ILE A 146 -25.61 2.06 12.82
N PRO A 147 -26.74 1.35 12.62
CA PRO A 147 -26.73 0.41 11.49
C PRO A 147 -26.56 1.09 10.14
N ARG A 148 -27.18 2.25 9.95
CA ARG A 148 -27.10 2.95 8.67
C ARG A 148 -25.69 3.49 8.43
N ILE A 149 -25.12 4.12 9.44
CA ILE A 149 -23.79 4.72 9.33
C ILE A 149 -22.73 3.67 9.01
N ILE A 150 -22.79 2.53 9.69
CA ILE A 150 -21.83 1.46 9.45
C ILE A 150 -21.92 0.94 8.03
N GLU A 151 -23.13 0.78 7.52
CA GLU A 151 -23.33 0.32 6.16
C GLU A 151 -22.79 1.34 5.15
N GLU A 152 -23.02 2.62 5.44
CA GLU A 152 -22.52 3.69 4.59
C GLU A 152 -20.99 3.78 4.66
N ALA A 153 -20.46 3.56 5.86
CA ALA A 153 -19.02 3.64 6.08
C ALA A 153 -18.27 2.60 5.25
N PHE A 154 -18.77 1.37 5.26
CA PHE A 154 -18.15 0.29 4.49
C PHE A 154 -18.38 0.46 3.00
N PHE A 155 -19.53 1.04 2.64
CA PHE A 155 -19.83 1.29 1.24
C PHE A 155 -18.89 2.35 0.67
N LEU A 156 -18.74 3.45 1.39
CA LEU A 156 -17.88 4.54 0.95
C LEU A 156 -16.41 4.14 0.92
N ALA A 157 -16.02 3.29 1.86
CA ALA A 157 -14.61 2.89 1.99
C ALA A 157 -14.18 1.93 0.88
N THR A 158 -15.13 1.18 0.33
CA THR A 158 -14.79 0.12 -0.61
C THR A 158 -15.19 0.44 -2.05
N SER A 159 -16.23 1.25 -2.23
CA SER A 159 -16.71 1.58 -3.57
C SER A 159 -15.92 2.74 -4.19
N GLY A 160 -16.09 2.91 -5.50
CA GLY A 160 -15.42 3.97 -6.24
C GLY A 160 -13.92 3.93 -6.02
N ARG A 161 -13.36 5.09 -5.69
CA ARG A 161 -11.96 5.16 -5.26
C ARG A 161 -11.91 4.87 -3.76
N PRO A 162 -11.37 3.70 -3.40
CA PRO A 162 -11.33 3.25 -2.00
C PRO A 162 -10.62 4.25 -1.09
N GLY A 163 -10.96 4.24 0.19
CA GLY A 163 -10.38 5.16 1.14
C GLY A 163 -10.79 4.89 2.57
N PRO A 164 -10.20 5.64 3.51
CA PRO A 164 -10.48 5.49 4.95
C PRO A 164 -11.74 6.21 5.38
N VAL A 165 -12.55 5.53 6.21
CA VAL A 165 -13.75 6.13 6.76
C VAL A 165 -13.76 5.98 8.29
N LEU A 166 -13.89 7.11 8.98
CA LEU A 166 -13.86 7.10 10.45
C LEU A 166 -15.24 7.28 11.05
N VAL A 167 -15.57 6.43 12.01
CA VAL A 167 -16.83 6.54 12.73
C VAL A 167 -16.59 6.77 14.21
N ASP A 168 -16.97 7.95 14.70
CA ASP A 168 -16.77 8.32 16.09
C ASP A 168 -18.02 8.03 16.92
N VAL A 169 -17.88 7.22 17.96
CA VAL A 169 -19.01 6.78 18.75
C VAL A 169 -18.91 7.19 20.22
N PRO A 170 -19.77 8.14 20.64
CA PRO A 170 -19.86 8.56 22.04
C PRO A 170 -20.19 7.40 22.97
N LYS A 171 -19.64 7.41 24.18
CA LYS A 171 -19.75 6.29 25.10
C LYS A 171 -21.18 6.03 25.56
N ASP A 172 -21.96 7.10 25.72
CA ASP A 172 -23.35 6.96 26.15
C ASP A 172 -24.19 6.28 25.08
N ILE A 173 -23.82 6.48 23.81
CA ILE A 173 -24.50 5.81 22.71
C ILE A 173 -24.23 4.31 22.76
N GLN A 174 -23.00 3.95 23.15
CA GLN A 174 -22.61 2.55 23.26
C GLN A 174 -23.39 1.82 24.35
N GLN A 175 -23.79 2.56 25.38
CA GLN A 175 -24.45 1.96 26.54
C GLN A 175 -25.98 1.96 26.41
N GLN A 176 -26.50 2.78 25.51
CA GLN A 176 -27.94 2.93 25.36
C GLN A 176 -28.58 1.68 24.76
N LEU A 177 -29.69 1.25 25.37
CA LEU A 177 -30.43 0.09 24.89
C LEU A 177 -31.33 0.47 23.72
N ALA A 178 -31.38 -0.38 22.70
CA ALA A 178 -32.22 -0.13 21.53
C ALA A 178 -32.43 -1.40 20.71
N ILE A 179 -33.40 -1.34 19.79
CA ILE A 179 -33.64 -2.43 18.86
C ILE A 179 -33.31 -1.96 17.45
N PRO A 180 -32.22 -2.50 16.87
CA PRO A 180 -31.68 -2.02 15.59
C PRO A 180 -32.55 -2.35 14.38
N ASN A 181 -32.62 -1.41 13.45
CA ASN A 181 -33.29 -1.63 12.17
C ASN A 181 -32.25 -1.83 11.08
N TRP A 182 -32.16 -3.05 10.56
CA TRP A 182 -31.10 -3.41 9.63
C TRP A 182 -31.46 -3.15 8.16
N GLU A 183 -32.74 -2.90 7.88
CA GLU A 183 -33.17 -2.69 6.51
CA GLU A 183 -33.19 -2.69 6.52
C GLU A 183 -33.60 -1.24 6.26
N GLN A 184 -32.69 -0.32 6.53
CA GLN A 184 -32.92 1.09 6.25
CA GLN A 184 -32.92 1.09 6.26
C GLN A 184 -32.01 1.57 5.14
N ALA A 185 -32.56 2.35 4.21
CA ALA A 185 -31.83 2.83 3.05
C ALA A 185 -30.69 3.78 3.42
N MET A 186 -29.56 3.64 2.73
CA MET A 186 -28.43 4.54 2.92
C MET A 186 -28.80 5.95 2.46
N ARG A 187 -28.18 6.95 3.07
CA ARG A 187 -28.45 8.34 2.73
C ARG A 187 -27.26 9.00 2.04
N LEU A 188 -26.90 8.48 0.87
CA LEU A 188 -25.83 9.05 0.07
C LEU A 188 -26.29 9.30 -1.36
N PRO A 189 -27.27 10.21 -1.55
CA PRO A 189 -27.83 10.43 -2.88
C PRO A 189 -26.86 11.13 -3.82
N GLY A 190 -26.01 12.00 -3.27
CA GLY A 190 -25.04 12.72 -4.06
C GLY A 190 -23.93 11.81 -4.56
N TYR A 191 -23.36 11.04 -3.64
CA TYR A 191 -22.24 10.15 -3.96
C TYR A 191 -22.61 9.10 -5.02
N MET A 192 -23.82 8.57 -4.92
CA MET A 192 -24.24 7.49 -5.81
C MET A 192 -24.56 7.99 -7.21
N SER A 193 -24.98 9.24 -7.32
CA SER A 193 -25.27 9.82 -8.63
C SER A 193 -23.97 10.10 -9.38
N ARG A 194 -22.89 10.27 -8.63
CA ARG A 194 -21.57 10.54 -9.20
C ARG A 194 -20.81 9.26 -9.52
N MET A 195 -21.37 8.12 -9.08
CA MET A 195 -20.73 6.83 -9.35
C MET A 195 -20.66 6.55 -10.83
N PRO A 196 -19.44 6.35 -11.35
CA PRO A 196 -19.17 6.11 -12.78
C PRO A 196 -19.97 4.93 -13.33
N LYS A 197 -20.56 5.12 -14.50
CA LYS A 197 -21.26 4.05 -15.20
C LYS A 197 -20.25 3.20 -15.97
N PRO A 198 -20.64 1.97 -16.34
CA PRO A 198 -19.76 1.14 -17.18
C PRO A 198 -19.38 1.85 -18.47
N PRO A 199 -18.11 1.70 -18.90
CA PRO A 199 -17.56 2.41 -20.06
C PRO A 199 -18.33 2.17 -21.35
N GLU A 200 -18.57 3.23 -22.11
CA GLU A 200 -19.30 3.14 -23.36
C GLU A 200 -18.44 2.53 -24.46
N ASP A 201 -19.09 1.93 -25.46
CA ASP A 201 -18.38 1.28 -26.56
C ASP A 201 -17.67 2.30 -27.45
N SER A 202 -18.18 3.52 -27.48
CA SER A 202 -17.60 4.58 -28.31
C SER A 202 -16.21 4.97 -27.83
N HIS A 203 -16.04 5.10 -26.52
CA HIS A 203 -14.77 5.49 -25.94
C HIS A 203 -13.73 4.37 -26.09
N LEU A 204 -14.18 3.13 -25.90
CA LEU A 204 -13.28 1.98 -25.97
C LEU A 204 -12.77 1.74 -27.38
N GLU A 205 -13.65 1.94 -28.36
CA GLU A 205 -13.27 1.74 -29.76
C GLU A 205 -12.36 2.87 -30.25
N GLN A 206 -12.40 4.00 -29.56
CA GLN A 206 -11.52 5.12 -29.89
C GLN A 206 -10.10 4.84 -29.41
N ILE A 207 -10.00 4.15 -28.27
CA ILE A 207 -8.71 3.76 -27.72
C ILE A 207 -8.02 2.75 -28.63
N VAL A 208 -8.75 1.69 -28.98
CA VAL A 208 -8.26 0.65 -29.88
C VAL A 208 -7.80 1.25 -31.21
N ARG A 209 -8.52 2.28 -31.65
CA ARG A 209 -8.17 2.99 -32.88
C ARG A 209 -6.79 3.65 -32.77
N LEU A 210 -6.55 4.33 -31.65
CA LEU A 210 -5.27 4.98 -31.43
C LEU A 210 -4.12 3.98 -31.35
N ILE A 211 -4.43 2.80 -30.82
CA ILE A 211 -3.44 1.73 -30.68
C ILE A 211 -2.94 1.26 -32.05
N SER A 212 -3.87 1.09 -32.99
CA SER A 212 -3.52 0.63 -34.32
C SER A 212 -2.75 1.69 -35.11
N GLU A 213 -2.93 2.96 -34.72
CA GLU A 213 -2.28 4.07 -35.41
C GLU A 213 -0.96 4.44 -34.76
N SER A 214 -0.64 3.79 -33.65
CA SER A 214 0.60 4.07 -32.93
C SER A 214 1.70 3.09 -33.32
N LYS A 215 2.95 3.49 -33.07
CA LYS A 215 4.09 2.64 -33.36
C LYS A 215 4.95 2.43 -32.12
N LYS A 216 4.76 3.29 -31.12
CA LYS A 216 5.52 3.22 -29.88
C LYS A 216 4.62 3.32 -28.64
N PRO A 217 3.73 2.34 -28.44
CA PRO A 217 2.80 2.40 -27.31
C PRO A 217 3.42 1.93 -26.00
N VAL A 218 3.02 2.55 -24.90
CA VAL A 218 3.52 2.19 -23.57
C VAL A 218 2.40 2.16 -22.55
N LEU A 219 2.31 1.07 -21.78
CA LEU A 219 1.33 0.97 -20.72
C LEU A 219 1.82 1.63 -19.43
N TYR A 220 0.99 2.52 -18.89
CA TYR A 220 1.29 3.26 -17.67
C TYR A 220 0.36 2.76 -16.56
N VAL A 221 0.78 1.67 -15.90
CA VAL A 221 -0.07 0.96 -14.95
C VAL A 221 0.20 1.38 -13.50
N GLY A 222 -0.87 1.59 -12.73
CA GLY A 222 -0.75 1.97 -11.34
C GLY A 222 -1.63 1.17 -10.40
N GLY A 223 -1.82 1.71 -9.19
CA GLY A 223 -2.55 1.01 -8.14
C GLY A 223 -4.02 0.75 -8.44
N GLY A 224 -4.54 1.38 -9.48
CA GLY A 224 -5.92 1.19 -9.87
C GLY A 224 -6.17 -0.14 -10.57
N CYS A 225 -5.10 -0.85 -10.89
CA CYS A 225 -5.20 -2.11 -11.62
C CYS A 225 -5.01 -3.33 -10.74
N LEU A 226 -5.07 -3.14 -9.42
CA LEU A 226 -4.81 -4.22 -8.47
C LEU A 226 -5.83 -5.36 -8.56
N ASN A 227 -7.01 -5.06 -9.08
CA ASN A 227 -8.05 -6.07 -9.23
C ASN A 227 -8.27 -6.46 -10.70
N SER A 228 -7.36 -6.01 -11.56
CA SER A 228 -7.49 -6.25 -12.99
C SER A 228 -6.30 -7.05 -13.53
N SER A 229 -5.75 -7.92 -12.70
CA SER A 229 -4.57 -8.69 -13.05
C SER A 229 -4.81 -9.58 -14.28
N ASP A 230 -5.92 -10.31 -14.29
CA ASP A 230 -6.25 -11.20 -15.39
C ASP A 230 -6.57 -10.41 -16.66
N GLU A 231 -7.36 -9.36 -16.51
CA GLU A 231 -7.77 -8.55 -17.65
C GLU A 231 -6.60 -7.82 -18.31
N LEU A 232 -5.69 -7.32 -17.49
CA LEU A 232 -4.52 -6.61 -17.99
C LEU A 232 -3.59 -7.55 -18.76
N GLY A 233 -3.37 -8.73 -18.18
CA GLY A 233 -2.53 -9.74 -18.83
C GLY A 233 -3.11 -10.17 -20.15
N ARG A 234 -4.44 -10.28 -20.21
CA ARG A 234 -5.13 -10.63 -21.44
C ARG A 234 -4.99 -9.51 -22.46
N PHE A 235 -5.05 -8.27 -21.98
CA PHE A 235 -4.91 -7.09 -22.82
C PHE A 235 -3.52 -7.03 -23.46
N VAL A 236 -2.51 -7.39 -22.68
CA VAL A 236 -1.13 -7.37 -23.16
C VAL A 236 -0.89 -8.43 -24.24
N GLU A 237 -1.50 -9.60 -24.05
CA GLU A 237 -1.38 -10.68 -25.03
C GLU A 237 -1.95 -10.26 -26.39
N LEU A 238 -3.05 -9.52 -26.35
CA LEU A 238 -3.73 -9.10 -27.57
C LEU A 238 -3.04 -7.92 -28.27
N THR A 239 -2.30 -7.14 -27.50
CA THR A 239 -1.68 -5.94 -28.02
C THR A 239 -0.16 -6.06 -28.17
N GLY A 240 0.48 -6.69 -27.20
CA GLY A 240 1.93 -6.80 -27.20
C GLY A 240 2.59 -5.51 -26.76
N ILE A 241 1.84 -4.69 -26.03
CA ILE A 241 2.33 -3.41 -25.55
C ILE A 241 3.09 -3.56 -24.24
N PRO A 242 4.33 -3.03 -24.20
CA PRO A 242 5.18 -3.11 -22.99
C PRO A 242 4.54 -2.41 -21.79
N VAL A 243 4.86 -2.89 -20.59
CA VAL A 243 4.19 -2.41 -19.38
C VAL A 243 5.14 -1.71 -18.41
N ALA A 244 4.90 -0.43 -18.18
CA ALA A 244 5.60 0.31 -17.14
C ALA A 244 4.68 0.52 -15.95
N SER A 245 5.17 0.19 -14.75
CA SER A 245 4.34 0.22 -13.56
C SER A 245 4.80 1.27 -12.54
N THR A 246 3.87 1.73 -11.72
CA THR A 246 4.19 2.65 -10.62
C THR A 246 4.58 1.86 -9.38
N LEU A 247 4.95 2.59 -8.32
CA LEU A 247 5.27 1.98 -7.04
C LEU A 247 4.06 1.25 -6.49
N MET A 248 2.88 1.81 -6.76
CA MET A 248 1.63 1.27 -6.24
C MET A 248 1.08 0.15 -7.11
N GLY A 249 1.52 0.10 -8.36
CA GLY A 249 0.97 -0.83 -9.33
C GLY A 249 1.79 -2.08 -9.57
N LEU A 250 2.84 -2.28 -8.78
CA LEU A 250 3.70 -3.45 -8.93
C LEU A 250 2.92 -4.75 -8.74
N GLY A 251 3.10 -5.68 -9.66
CA GLY A 251 2.47 -6.98 -9.55
C GLY A 251 1.24 -7.11 -10.44
N SER A 252 0.66 -5.98 -10.82
CA SER A 252 -0.49 -5.98 -11.73
C SER A 252 -0.15 -6.71 -13.01
N TYR A 253 1.04 -6.45 -13.53
CA TYR A 253 1.61 -7.25 -14.61
C TYR A 253 2.92 -7.84 -14.12
N PRO A 254 3.09 -9.16 -14.32
CA PRO A 254 4.25 -9.92 -13.82
C PRO A 254 5.59 -9.28 -14.21
N ASP A 256 8.60 -10.59 -13.95
CA ASP A 256 9.54 -11.55 -14.51
C ASP A 256 9.26 -11.77 -15.98
N ASP A 257 8.15 -11.20 -16.46
CA ASP A 257 7.75 -11.32 -17.85
C ASP A 257 8.62 -10.45 -18.75
N GLU A 258 8.73 -10.85 -20.01
CA GLU A 258 9.62 -10.17 -20.96
C GLU A 258 9.12 -8.77 -21.31
N LEU A 259 7.81 -8.57 -21.31
CA LEU A 259 7.22 -7.29 -21.70
C LEU A 259 7.14 -6.31 -20.55
N SER A 260 7.64 -6.71 -19.38
CA SER A 260 7.61 -5.84 -18.21
C SER A 260 8.80 -4.88 -18.20
N LEU A 261 8.51 -3.59 -18.21
CA LEU A 261 9.54 -2.56 -18.11
C LEU A 261 9.82 -2.23 -16.66
N HIS A 262 9.22 -3.00 -15.76
CA HIS A 262 9.29 -2.77 -14.32
C HIS A 262 8.76 -1.38 -13.97
N MET A 263 9.40 -0.74 -12.98
CA MET A 263 8.92 0.54 -12.47
C MET A 263 9.50 1.74 -13.20
N LEU A 264 8.68 2.76 -13.39
CA LEU A 264 9.14 4.05 -13.92
C LEU A 264 9.10 5.09 -12.80
N GLY A 265 9.69 6.25 -13.06
CA GLY A 265 9.64 7.34 -12.09
C GLY A 265 10.99 7.85 -11.65
N MET A 266 11.02 8.47 -10.48
CA MET A 266 12.24 9.04 -9.92
C MET A 266 13.34 7.98 -9.78
N HIS A 267 12.99 6.84 -9.20
CA HIS A 267 13.92 5.73 -9.07
C HIS A 267 13.50 4.56 -9.95
N GLY A 268 12.81 4.85 -11.05
CA GLY A 268 12.41 3.84 -12.00
C GLY A 268 13.56 3.45 -12.91
N THR A 269 13.44 2.31 -13.58
CA THR A 269 14.49 1.83 -14.45
C THR A 269 14.70 2.77 -15.64
N VAL A 270 15.90 2.74 -16.20
CA VAL A 270 16.25 3.62 -17.31
C VAL A 270 15.37 3.35 -18.54
N TYR A 271 15.09 2.08 -18.79
CA TYR A 271 14.33 1.70 -19.97
C TYR A 271 12.82 1.98 -19.81
N ALA A 272 12.32 1.94 -18.58
CA ALA A 272 10.92 2.28 -18.33
C ALA A 272 10.68 3.75 -18.61
N ASN A 273 11.56 4.60 -18.08
CA ASN A 273 11.46 6.04 -18.30
C ASN A 273 11.72 6.40 -19.76
N TYR A 274 12.62 5.65 -20.40
CA TYR A 274 12.92 5.85 -21.81
C TYR A 274 11.70 5.57 -22.67
N ALA A 275 11.00 4.49 -22.34
CA ALA A 275 9.82 4.08 -23.10
C ALA A 275 8.75 5.16 -23.11
N VAL A 276 8.49 5.74 -21.93
CA VAL A 276 7.50 6.80 -21.81
C VAL A 276 7.98 8.08 -22.49
N GLU A 277 9.28 8.34 -22.39
CA GLU A 277 9.86 9.55 -22.95
C GLU A 277 9.72 9.60 -24.47
N HIS A 278 9.82 8.45 -25.12
CA HIS A 278 9.80 8.40 -26.58
C HIS A 278 8.55 7.73 -27.13
N SER A 279 7.56 7.51 -26.27
CA SER A 279 6.30 6.91 -26.70
C SER A 279 5.48 7.89 -27.52
N ASP A 280 4.60 7.34 -28.38
CA ASP A 280 3.67 8.17 -29.14
C ASP A 280 2.25 7.86 -28.70
N LEU A 281 2.13 6.90 -27.79
CA LEU A 281 0.85 6.54 -27.19
C LEU A 281 1.05 6.07 -25.75
N LEU A 282 0.44 6.79 -24.81
CA LEU A 282 0.57 6.46 -23.40
C LEU A 282 -0.75 6.00 -22.81
N LEU A 283 -0.83 4.70 -22.49
CA LEU A 283 -2.04 4.15 -21.91
C LEU A 283 -1.97 4.18 -20.38
N ALA A 284 -2.51 5.25 -19.80
CA ALA A 284 -2.46 5.46 -18.36
C ALA A 284 -3.65 4.81 -17.66
N PHE A 285 -3.44 3.62 -17.12
CA PHE A 285 -4.51 2.88 -16.45
C PHE A 285 -4.29 2.81 -14.94
N GLY A 286 -5.20 3.42 -14.18
CA GLY A 286 -5.15 3.36 -12.74
C GLY A 286 -4.01 4.14 -12.12
N VAL A 287 -3.69 5.29 -12.70
CA VAL A 287 -2.63 6.15 -12.19
C VAL A 287 -3.15 7.54 -11.91
N ARG A 288 -2.36 8.34 -11.19
CA ARG A 288 -2.79 9.70 -10.87
C ARG A 288 -1.72 10.74 -11.22
N PHE A 289 -0.78 10.35 -12.08
CA PHE A 289 0.23 11.25 -12.61
C PHE A 289 0.97 12.03 -11.52
N ASP A 290 1.57 11.29 -10.59
CA ASP A 290 2.29 11.91 -9.48
C ASP A 290 3.60 12.54 -9.95
N ASP A 291 4.04 13.57 -9.23
N ASP A 291 4.07 13.56 -9.25
CA ASP A 291 5.28 14.28 -9.55
CA ASP A 291 5.30 14.25 -9.65
C ASP A 291 6.49 13.36 -9.42
C ASP A 291 6.53 13.40 -9.36
N ARG A 292 6.36 12.35 -8.57
CA ARG A 292 7.44 11.39 -8.34
C ARG A 292 7.68 10.55 -9.58
N VAL A 293 6.62 10.41 -10.39
CA VAL A 293 6.69 9.66 -11.63
C VAL A 293 7.00 10.55 -12.82
N THR A 294 6.16 11.57 -13.01
CA THR A 294 6.26 12.45 -14.17
C THR A 294 7.50 13.33 -14.14
N GLY A 295 7.85 13.81 -12.94
CA GLY A 295 8.90 14.81 -12.83
C GLY A 295 8.37 16.10 -13.41
N LYS A 296 9.12 16.69 -14.33
CA LYS A 296 8.65 17.87 -15.03
C LYS A 296 7.56 17.47 -16.02
N LEU A 297 6.32 17.80 -15.68
CA LEU A 297 5.14 17.42 -16.47
C LEU A 297 5.28 17.75 -17.95
N GLU A 298 5.71 18.97 -18.24
CA GLU A 298 5.81 19.45 -19.63
C GLU A 298 6.72 18.58 -20.49
N ALA A 299 7.55 17.76 -19.85
CA ALA A 299 8.49 16.90 -20.57
C ALA A 299 8.10 15.42 -20.47
N PHE A 300 7.11 15.13 -19.64
CA PHE A 300 6.67 13.76 -19.42
C PHE A 300 5.75 13.28 -20.55
N ALA A 301 6.24 12.32 -21.34
CA ALA A 301 5.52 11.80 -22.49
C ALA A 301 5.09 12.94 -23.42
N SER A 302 6.05 13.80 -23.77
CA SER A 302 5.76 15.02 -24.52
C SER A 302 5.29 14.77 -25.94
N ARG A 303 5.65 13.60 -26.49
CA ARG A 303 5.34 13.29 -27.88
C ARG A 303 4.31 12.17 -27.99
N ALA A 304 3.51 11.98 -26.93
CA ALA A 304 2.59 10.87 -26.88
C ALA A 304 1.13 11.31 -26.74
N LYS A 305 0.25 10.68 -27.51
CA LYS A 305 -1.17 10.83 -27.30
C LYS A 305 -1.55 10.05 -26.05
N ILE A 306 -2.15 10.73 -25.09
CA ILE A 306 -2.37 10.15 -23.77
C ILE A 306 -3.79 9.63 -23.56
N VAL A 307 -3.89 8.37 -23.14
CA VAL A 307 -5.16 7.77 -22.78
C VAL A 307 -5.21 7.54 -21.28
N HIS A 308 -6.18 8.16 -20.61
CA HIS A 308 -6.28 8.08 -19.16
C HIS A 308 -7.60 7.44 -18.73
N ILE A 309 -7.50 6.35 -17.98
CA ILE A 309 -8.68 5.68 -17.43
C ILE A 309 -8.62 5.68 -15.90
N ASP A 310 -9.56 6.37 -15.28
CA ASP A 310 -9.61 6.47 -13.82
C ASP A 310 -11.06 6.43 -13.33
N ILE A 311 -11.24 5.93 -12.12
CA ILE A 311 -12.58 5.82 -11.54
C ILE A 311 -12.95 7.10 -10.80
N ASP A 312 -11.98 8.01 -10.70
CA ASP A 312 -12.21 9.31 -10.07
C ASP A 312 -12.05 10.42 -11.10
N SER A 313 -13.15 11.08 -11.43
CA SER A 313 -13.15 12.12 -12.46
C SER A 313 -12.28 13.32 -12.09
N ALA A 314 -11.98 13.45 -10.81
CA ALA A 314 -11.16 14.56 -10.31
C ALA A 314 -9.70 14.39 -10.68
N GLU A 315 -9.34 13.19 -11.14
CA GLU A 315 -7.95 12.89 -11.50
C GLU A 315 -7.71 13.01 -13.00
N ILE A 316 -8.80 12.98 -13.78
CA ILE A 316 -8.69 13.02 -15.23
C ILE A 316 -8.60 14.46 -15.73
N GLY A 317 -7.39 14.90 -16.08
CA GLY A 317 -7.17 16.23 -16.58
C GLY A 317 -6.64 17.17 -15.52
N LYS A 318 -6.25 16.62 -14.37
CA LYS A 318 -5.72 17.43 -13.28
C LYS A 318 -4.33 17.94 -13.60
N ASN A 319 -3.40 17.02 -13.86
CA ASN A 319 -2.02 17.39 -14.15
C ASN A 319 -1.74 17.45 -15.65
N LYS A 320 -2.33 16.52 -16.40
CA LYS A 320 -2.17 16.52 -17.85
C LYS A 320 -3.49 16.26 -18.56
N THR A 321 -3.65 16.89 -19.72
CA THR A 321 -4.86 16.74 -20.52
C THR A 321 -4.74 15.55 -21.46
N PRO A 322 -5.58 14.52 -21.24
CA PRO A 322 -5.57 13.32 -22.09
C PRO A 322 -6.31 13.54 -23.41
N HIS A 323 -5.85 12.89 -24.46
CA HIS A 323 -6.53 12.97 -25.76
C HIS A 323 -7.76 12.08 -25.74
N VAL A 324 -7.71 11.02 -24.94
CA VAL A 324 -8.83 10.10 -24.76
C VAL A 324 -8.95 9.73 -23.29
N SER A 325 -10.15 9.83 -22.74
CA SER A 325 -10.36 9.53 -21.33
C SER A 325 -11.59 8.65 -21.10
N VAL A 326 -11.51 7.77 -20.12
CA VAL A 326 -12.64 6.94 -19.71
C VAL A 326 -12.79 6.98 -18.20
N CYS A 327 -13.89 7.57 -17.72
CA CYS A 327 -14.15 7.63 -16.29
C CYS A 327 -14.95 6.41 -15.85
N GLY A 328 -14.26 5.43 -15.27
CA GLY A 328 -14.91 4.22 -14.82
C GLY A 328 -13.93 3.14 -14.37
N ASP A 329 -14.45 1.96 -14.09
CA ASP A 329 -13.65 0.84 -13.64
C ASP A 329 -12.72 0.36 -14.77
N VAL A 330 -11.43 0.34 -14.49
CA VAL A 330 -10.44 -0.08 -15.48
C VAL A 330 -10.60 -1.57 -15.78
N LYS A 331 -11.15 -2.31 -14.81
CA LYS A 331 -11.40 -3.73 -14.99
C LYS A 331 -12.42 -3.96 -16.10
N LEU A 332 -13.46 -3.15 -16.11
CA LEU A 332 -14.50 -3.23 -17.13
C LEU A 332 -13.99 -2.71 -18.47
N ALA A 333 -13.18 -1.66 -18.43
CA ALA A 333 -12.60 -1.06 -19.62
C ALA A 333 -11.72 -2.07 -20.36
N LEU A 334 -10.94 -2.83 -19.59
CA LEU A 334 -10.09 -3.87 -20.16
C LEU A 334 -10.95 -4.99 -20.75
N GLN A 335 -11.97 -5.40 -20.03
CA GLN A 335 -12.89 -6.44 -20.50
C GLN A 335 -13.54 -6.07 -21.82
N GLY A 336 -13.92 -4.80 -21.94
CA GLY A 336 -14.56 -4.31 -23.14
C GLY A 336 -13.61 -4.25 -24.32
N MET A 337 -12.38 -3.81 -24.07
CA MET A 337 -11.39 -3.69 -25.13
C MET A 337 -10.86 -5.06 -25.56
N ASN A 338 -10.80 -6.00 -24.62
CA ASN A 338 -10.33 -7.35 -24.92
C ASN A 338 -11.20 -8.05 -25.95
N LYS A 339 -12.52 -7.92 -25.81
CA LYS A 339 -13.46 -8.55 -26.73
C LYS A 339 -13.36 -7.93 -28.12
N VAL A 340 -13.11 -6.62 -28.16
CA VAL A 340 -12.93 -5.92 -29.44
C VAL A 340 -11.62 -6.32 -30.10
N LEU A 341 -10.56 -6.39 -29.29
CA LEU A 341 -9.23 -6.72 -29.81
C LEU A 341 -9.13 -8.15 -30.32
N GLU A 342 -10.03 -9.01 -29.87
CA GLU A 342 -9.97 -10.42 -30.25
C GLU A 342 -10.75 -10.71 -31.54
N ASN A 343 -11.96 -10.18 -31.64
CA ASN A 343 -12.78 -10.41 -32.83
CA ASN A 343 -12.79 -10.39 -32.82
C ASN A 343 -12.28 -9.61 -34.02
N ARG A 344 -11.57 -8.52 -33.75
CA ARG A 344 -10.98 -7.70 -34.80
C ARG A 344 -9.47 -7.91 -34.88
N ALA A 345 -9.00 -9.04 -34.36
CA ALA A 345 -7.57 -9.32 -34.29
C ALA A 345 -6.93 -9.43 -35.66
N GLU A 346 -7.55 -10.22 -36.54
CA GLU A 346 -6.99 -10.45 -37.88
C GLU A 346 -7.07 -9.20 -38.74
N GLU A 347 -8.00 -8.30 -38.40
CA GLU A 347 -8.16 -7.06 -39.14
C GLU A 347 -7.13 -6.02 -38.72
N LEU A 348 -6.85 -5.97 -37.42
CA LEU A 348 -5.90 -5.00 -36.88
C LEU A 348 -4.45 -5.41 -37.16
N LYS A 349 -4.12 -6.67 -36.86
CA LYS A 349 -2.76 -7.19 -37.03
C LYS A 349 -1.73 -6.33 -36.31
N LEU A 350 -1.90 -6.19 -35.00
CA LEU A 350 -0.99 -5.38 -34.19
C LEU A 350 0.38 -6.03 -34.08
N ASP A 351 1.42 -5.22 -34.21
CA ASP A 351 2.80 -5.70 -34.12
C ASP A 351 3.76 -4.57 -33.77
N PHE A 352 4.15 -4.50 -32.50
CA PHE A 352 5.06 -3.47 -32.03
C PHE A 352 6.45 -4.04 -31.74
N GLY A 353 6.86 -5.01 -32.56
CA GLY A 353 8.15 -5.66 -32.36
C GLY A 353 9.33 -4.73 -32.51
N VAL A 354 9.23 -3.78 -33.43
CA VAL A 354 10.29 -2.81 -33.67
C VAL A 354 10.48 -1.91 -32.44
N TRP A 355 9.37 -1.46 -31.87
CA TRP A 355 9.40 -0.63 -30.67
C TRP A 355 9.92 -1.43 -29.48
N ARG A 356 9.50 -2.69 -29.38
CA ARG A 356 9.91 -3.55 -28.29
C ARG A 356 11.40 -3.86 -28.35
N ASN A 357 11.94 -4.00 -29.56
CA ASN A 357 13.36 -4.23 -29.73
C ASN A 357 14.17 -3.00 -29.37
N GLU A 358 13.62 -1.83 -29.65
CA GLU A 358 14.27 -0.57 -29.28
C GLU A 358 14.36 -0.46 -27.76
N LEU A 359 13.30 -0.91 -27.09
CA LEU A 359 13.27 -0.89 -25.63
C LEU A 359 14.15 -2.00 -25.05
N ASN A 360 14.14 -3.16 -25.71
CA ASN A 360 14.99 -4.27 -25.30
C ASN A 360 16.46 -3.91 -25.37
N VAL A 361 16.81 -3.04 -26.30
CA VAL A 361 18.17 -2.52 -26.40
C VAL A 361 18.53 -1.75 -25.14
N GLN A 362 17.73 -0.73 -24.83
CA GLN A 362 17.91 0.07 -23.62
C GLN A 362 17.95 -0.79 -22.37
N LYS A 363 17.22 -1.90 -22.40
CA LYS A 363 17.19 -2.84 -21.29
C LYS A 363 18.53 -3.55 -21.15
N GLN A 364 19.26 -3.67 -22.26
CA GLN A 364 20.56 -4.32 -22.26
C GLN A 364 21.68 -3.38 -21.82
N LYS A 365 21.66 -2.16 -22.33
CA LYS A 365 22.73 -1.20 -22.05
C LYS A 365 22.61 -0.62 -20.64
N PHE A 366 21.39 -0.39 -20.18
CA PHE A 366 21.17 0.21 -18.87
C PHE A 366 20.23 -0.61 -17.99
N PRO A 367 20.68 -1.79 -17.52
CA PRO A 367 19.84 -2.58 -16.62
C PRO A 367 20.03 -2.17 -15.16
N LEU A 368 19.14 -2.65 -14.29
CA LEU A 368 19.29 -2.42 -12.85
C LEU A 368 20.58 -3.08 -12.36
N SER A 369 21.49 -2.26 -11.84
CA SER A 369 22.80 -2.74 -11.46
C SER A 369 23.20 -2.35 -10.04
N PHE A 370 23.96 -3.23 -9.39
CA PHE A 370 24.54 -2.94 -8.08
C PHE A 370 25.99 -3.40 -8.07
N LYS A 371 26.73 -2.97 -7.05
CA LYS A 371 28.15 -3.30 -6.96
C LYS A 371 28.46 -4.06 -5.67
N THR A 372 29.33 -5.07 -5.78
CA THR A 372 29.71 -5.88 -4.64
C THR A 372 31.12 -5.57 -4.15
N PHE A 373 31.23 -5.17 -2.89
CA PHE A 373 32.52 -4.80 -2.31
C PHE A 373 33.03 -5.85 -1.33
N GLY A 374 33.99 -6.66 -1.77
CA GLY A 374 34.56 -7.70 -0.94
C GLY A 374 33.53 -8.70 -0.46
N GLU A 375 33.39 -8.84 0.85
N GLU A 375 33.39 -8.83 0.86
CA GLU A 375 32.39 -9.74 1.42
CA GLU A 375 32.43 -9.74 1.46
C GLU A 375 31.26 -8.98 2.08
C GLU A 375 31.20 -9.00 1.98
N ALA A 376 31.21 -7.67 1.83
CA ALA A 376 30.12 -6.85 2.33
C ALA A 376 28.83 -7.16 1.59
N ILE A 377 27.72 -7.26 2.32
CA ILE A 377 26.45 -7.63 1.74
C ILE A 377 25.78 -6.47 0.99
N PRO A 378 25.56 -6.65 -0.31
CA PRO A 378 24.76 -5.69 -1.07
C PRO A 378 23.29 -5.85 -0.75
N PRO A 379 22.62 -4.77 -0.29
CA PRO A 379 21.19 -4.82 0.03
C PRO A 379 20.36 -5.28 -1.15
N GLN A 380 20.78 -4.90 -2.36
CA GLN A 380 20.10 -5.31 -3.58
C GLN A 380 20.18 -6.82 -3.75
N TYR A 381 21.38 -7.36 -3.55
CA TYR A 381 21.61 -8.80 -3.69
C TYR A 381 20.78 -9.61 -2.70
N ALA A 382 20.69 -9.13 -1.46
CA ALA A 382 19.95 -9.82 -0.42
C ALA A 382 18.48 -9.99 -0.78
N ILE A 383 17.91 -8.95 -1.39
CA ILE A 383 16.51 -8.96 -1.78
C ILE A 383 16.27 -9.92 -2.94
N LYS A 384 17.21 -9.94 -3.90
CA LYS A 384 17.08 -10.83 -5.04
C LYS A 384 17.24 -12.29 -4.62
N VAL A 385 17.99 -12.53 -3.54
CA VAL A 385 18.11 -13.86 -2.98
C VAL A 385 16.79 -14.30 -2.36
N LEU A 386 16.14 -13.36 -1.68
CA LEU A 386 14.82 -13.60 -1.10
C LEU A 386 13.81 -13.95 -2.19
N ASP A 387 13.97 -13.33 -3.35
CA ASP A 387 13.11 -13.59 -4.49
C ASP A 387 13.26 -15.03 -4.95
N GLU A 388 14.51 -15.47 -5.11
CA GLU A 388 14.81 -16.81 -5.58
C GLU A 388 14.32 -17.89 -4.61
N LEU A 389 14.53 -17.65 -3.32
CA LEU A 389 14.20 -18.64 -2.30
C LEU A 389 12.71 -18.69 -1.97
N THR A 390 11.99 -17.64 -2.36
CA THR A 390 10.53 -17.61 -2.17
C THR A 390 9.81 -17.75 -3.50
N ASP A 391 10.59 -17.88 -4.57
CA ASP A 391 10.07 -18.01 -5.94
C ASP A 391 9.17 -16.84 -6.32
N GLY A 392 9.40 -15.70 -5.70
CA GLY A 392 8.65 -14.49 -6.00
C GLY A 392 7.17 -14.55 -5.65
N LYS A 393 6.82 -15.47 -4.75
CA LYS A 393 5.43 -15.66 -4.38
C LYS A 393 5.12 -15.14 -2.98
N ALA A 394 6.10 -14.49 -2.36
CA ALA A 394 5.95 -13.99 -0.99
C ALA A 394 5.27 -12.63 -0.95
N ILE A 395 4.58 -12.36 0.14
CA ILE A 395 4.00 -11.04 0.38
C ILE A 395 5.05 -10.15 1.04
N ILE A 396 5.35 -9.03 0.39
CA ILE A 396 6.40 -8.14 0.86
C ILE A 396 5.87 -6.81 1.36
N SER A 397 6.07 -6.55 2.65
CA SER A 397 5.77 -5.24 3.22
C SER A 397 7.08 -4.54 3.56
N THR A 398 7.12 -3.22 3.38
CA THR A 398 8.34 -2.47 3.62
C THR A 398 8.11 -1.22 4.45
N GLY A 399 9.20 -0.66 4.95
CA GLY A 399 9.18 0.66 5.56
C GLY A 399 9.34 1.68 4.45
N VAL A 400 10.01 2.79 4.76
CA VAL A 400 10.23 3.84 3.78
C VAL A 400 11.69 4.27 3.76
N GLY A 401 12.26 4.32 2.57
CA GLY A 401 13.65 4.72 2.40
C GLY A 401 14.36 3.99 1.29
N GLN A 402 15.67 3.86 1.42
CA GLN A 402 16.48 3.16 0.43
C GLN A 402 16.05 1.70 0.28
N HIS A 403 15.82 1.05 1.42
CA HIS A 403 15.42 -0.35 1.43
C HIS A 403 14.08 -0.55 0.73
N GLN A 404 13.23 0.47 0.80
CA GLN A 404 11.92 0.42 0.16
C GLN A 404 12.06 0.37 -1.36
N MET A 405 12.98 1.17 -1.89
CA MET A 405 13.20 1.25 -3.33
C MET A 405 13.82 -0.04 -3.86
N TRP A 406 14.80 -0.56 -3.14
CA TRP A 406 15.47 -1.80 -3.54
C TRP A 406 14.51 -2.98 -3.47
N ALA A 407 13.58 -2.93 -2.53
CA ALA A 407 12.57 -3.98 -2.41
C ALA A 407 11.61 -3.92 -3.59
N ALA A 408 11.50 -2.75 -4.20
CA ALA A 408 10.63 -2.55 -5.34
C ALA A 408 11.36 -2.80 -6.65
N GLN A 409 12.69 -2.68 -6.61
CA GLN A 409 13.51 -2.85 -7.81
C GLN A 409 13.96 -4.29 -8.03
N PHE A 410 14.30 -4.98 -6.94
CA PHE A 410 14.94 -6.29 -7.05
C PHE A 410 14.07 -7.43 -6.57
N TYR A 411 12.76 -7.29 -6.71
CA TYR A 411 11.84 -8.39 -6.44
C TYR A 411 10.77 -8.43 -7.53
N ASN A 412 10.68 -9.56 -8.22
CA ASN A 412 9.71 -9.72 -9.30
C ASN A 412 8.39 -10.29 -8.79
N TYR A 413 7.43 -9.41 -8.56
CA TYR A 413 6.14 -9.80 -8.02
C TYR A 413 5.24 -10.39 -9.10
N LYS A 414 4.86 -11.64 -8.91
CA LYS A 414 4.05 -12.37 -9.89
C LYS A 414 2.62 -11.86 -9.95
N LYS A 415 2.07 -11.56 -8.77
CA LYS A 415 0.68 -11.15 -8.66
C LYS A 415 0.54 -9.84 -7.89
N PRO A 416 -0.60 -9.14 -8.05
CA PRO A 416 -0.83 -7.95 -7.23
C PRO A 416 -1.11 -8.33 -5.77
N ARG A 417 -1.06 -7.32 -4.89
CA ARG A 417 -1.29 -7.51 -3.46
C ARG A 417 -0.24 -8.40 -2.80
N GLN A 418 0.94 -8.47 -3.42
CA GLN A 418 2.12 -9.02 -2.77
C GLN A 418 2.95 -7.87 -2.24
N TRP A 419 2.73 -6.70 -2.82
CA TRP A 419 3.53 -5.51 -2.55
C TRP A 419 2.79 -4.53 -1.65
N LEU A 420 3.18 -4.50 -0.38
CA LEU A 420 2.56 -3.61 0.59
C LEU A 420 3.52 -2.52 1.02
N SER A 421 3.29 -1.30 0.55
CA SER A 421 4.21 -0.20 0.85
C SER A 421 3.52 1.15 0.82
N SER A 422 3.91 2.03 1.74
CA SER A 422 3.38 3.38 1.79
C SER A 422 4.00 4.21 0.66
N GLY A 423 3.17 4.62 -0.29
CA GLY A 423 3.65 5.33 -1.47
C GLY A 423 3.41 6.83 -1.44
N GLY A 424 2.14 7.21 -1.25
CA GLY A 424 1.77 8.61 -1.25
C GLY A 424 2.29 9.38 -0.04
N LEU A 425 1.98 8.88 1.15
CA LEU A 425 2.43 9.52 2.38
C LEU A 425 3.87 9.12 2.70
N GLY A 426 4.22 7.89 2.37
CA GLY A 426 5.55 7.38 2.64
C GLY A 426 5.87 7.40 4.13
N ALA A 427 5.08 6.66 4.90
CA ALA A 427 5.21 6.67 6.35
C ALA A 427 6.12 5.55 6.86
N MET A 428 7.16 5.93 7.59
CA MET A 428 8.04 4.96 8.23
C MET A 428 7.28 4.18 9.30
N GLY A 429 7.79 3.00 9.64
CA GLY A 429 7.16 2.17 10.66
C GLY A 429 5.93 1.46 10.14
N PHE A 430 5.73 1.52 8.83
CA PHE A 430 4.57 0.89 8.18
C PHE A 430 4.80 -0.61 7.99
N GLY A 431 6.05 -0.99 7.75
CA GLY A 431 6.39 -2.35 7.37
C GLY A 431 5.94 -3.46 8.31
N LEU A 432 6.37 -3.37 9.57
CA LEU A 432 6.09 -4.44 10.54
C LEU A 432 4.59 -4.63 10.84
N PRO A 433 3.85 -3.54 11.11
CA PRO A 433 2.42 -3.77 11.37
C PRO A 433 1.66 -4.24 10.14
N ALA A 434 2.03 -3.75 8.95
CA ALA A 434 1.39 -4.17 7.72
C ALA A 434 1.60 -5.66 7.48
N ALA A 435 2.79 -6.15 7.85
CA ALA A 435 3.09 -7.57 7.76
C ALA A 435 2.19 -8.39 8.67
N ILE A 436 1.86 -7.83 9.82
CA ILE A 436 0.97 -8.47 10.78
C ILE A 436 -0.43 -8.67 10.17
N GLY A 437 -1.00 -7.59 9.65
CA GLY A 437 -2.32 -7.65 9.04
C GLY A 437 -2.37 -8.56 7.83
N ALA A 438 -1.30 -8.56 7.04
CA ALA A 438 -1.22 -9.40 5.86
C ALA A 438 -1.15 -10.88 6.23
N SER A 439 -0.43 -11.17 7.31
CA SER A 439 -0.28 -12.54 7.78
C SER A 439 -1.60 -13.09 8.31
N VAL A 440 -2.39 -12.21 8.93
CA VAL A 440 -3.70 -12.61 9.45
C VAL A 440 -4.68 -12.84 8.30
N ALA A 441 -4.60 -12.00 7.28
CA ALA A 441 -5.45 -12.14 6.11
C ALA A 441 -5.02 -13.32 5.25
N ASN A 442 -3.72 -13.61 5.26
CA ASN A 442 -3.17 -14.70 4.47
C ASN A 442 -2.28 -15.61 5.32
N PRO A 443 -2.91 -16.53 6.07
CA PRO A 443 -2.23 -17.42 7.03
C PRO A 443 -1.23 -18.37 6.37
N ASP A 444 -1.54 -18.86 5.18
CA ASP A 444 -0.72 -19.86 4.52
C ASP A 444 0.35 -19.25 3.61
N ALA A 445 0.42 -17.92 3.61
CA ALA A 445 1.34 -17.22 2.72
C ALA A 445 2.65 -16.90 3.40
N ILE A 446 3.71 -16.75 2.61
CA ILE A 446 5.00 -16.30 3.11
C ILE A 446 5.00 -14.78 3.21
N VAL A 447 5.04 -14.27 4.44
CA VAL A 447 5.02 -12.84 4.68
C VAL A 447 6.36 -12.34 5.18
N VAL A 448 6.98 -11.44 4.42
CA VAL A 448 8.28 -10.91 4.78
C VAL A 448 8.27 -9.39 4.87
N ASP A 449 8.79 -8.86 5.97
CA ASP A 449 8.90 -7.42 6.14
C ASP A 449 10.33 -6.96 5.83
N ILE A 450 10.52 -6.38 4.66
CA ILE A 450 11.80 -5.79 4.29
C ILE A 450 11.88 -4.37 4.86
N ASP A 451 12.54 -4.25 6.00
CA ASP A 451 12.52 -3.00 6.76
C ASP A 451 13.89 -2.34 6.86
N GLY A 452 13.89 -1.04 7.14
CA GLY A 452 15.11 -0.31 7.43
C GLY A 452 15.25 -0.16 8.93
N ASP A 453 16.47 0.03 9.40
CA ASP A 453 16.74 0.10 10.83
C ASP A 453 16.04 1.28 11.51
N GLY A 454 15.78 2.33 10.74
CA GLY A 454 15.06 3.48 11.25
C GLY A 454 13.56 3.23 11.27
N SER A 455 13.05 2.65 10.18
CA SER A 455 11.62 2.38 10.07
C SER A 455 11.19 1.26 11.00
N PHE A 456 12.05 0.27 11.17
CA PHE A 456 11.73 -0.90 11.99
C PHE A 456 11.57 -0.54 13.47
N ILE A 457 12.41 0.35 13.96
CA ILE A 457 12.43 0.66 15.38
C ILE A 457 11.24 1.53 15.80
N MET A 458 10.65 2.25 14.85
CA MET A 458 9.54 3.15 15.15
C MET A 458 8.34 2.41 15.75
N ASN A 459 8.02 1.26 15.18
CA ASN A 459 6.93 0.44 15.69
C ASN A 459 7.42 -0.94 16.10
N VAL A 460 8.59 -0.97 16.73
CA VAL A 460 9.22 -2.21 17.15
C VAL A 460 8.38 -2.95 18.19
N GLN A 461 7.49 -2.21 18.86
CA GLN A 461 6.66 -2.79 19.91
C GLN A 461 5.69 -3.83 19.37
N GLU A 462 5.50 -3.84 18.05
CA GLU A 462 4.56 -4.77 17.43
C GLU A 462 5.15 -6.18 17.32
N LEU A 463 6.41 -6.33 17.72
CA LEU A 463 7.03 -7.65 17.81
C LEU A 463 6.32 -8.49 18.87
N ALA A 464 5.83 -7.80 19.90
CA ALA A 464 5.05 -8.45 20.94
C ALA A 464 3.75 -9.00 20.35
N THR A 465 3.11 -8.20 19.50
CA THR A 465 1.89 -8.60 18.83
C THR A 465 2.10 -9.86 18.00
N ILE A 466 3.23 -9.91 17.29
CA ILE A 466 3.56 -11.02 16.41
C ILE A 466 3.70 -12.34 17.16
N ARG A 467 4.38 -12.31 18.31
CA ARG A 467 4.58 -13.52 19.11
C ARG A 467 3.29 -14.00 19.76
N VAL A 468 2.56 -13.07 20.41
CA VAL A 468 1.32 -13.42 21.08
C VAL A 468 0.30 -14.01 20.10
N GLU A 469 0.23 -13.44 18.91
CA GLU A 469 -0.72 -13.91 17.90
C GLU A 469 -0.16 -15.08 17.09
N ASN A 470 1.09 -15.45 17.37
CA ASN A 470 1.75 -16.58 16.70
C ASN A 470 1.72 -16.48 15.18
N LEU A 471 2.15 -15.33 14.65
CA LEU A 471 2.14 -15.09 13.23
C LEU A 471 3.51 -15.36 12.61
N PRO A 472 3.53 -16.12 11.51
CA PRO A 472 4.78 -16.49 10.83
C PRO A 472 5.40 -15.31 10.06
N VAL A 473 5.55 -14.18 10.72
CA VAL A 473 6.09 -12.98 10.07
C VAL A 473 7.62 -13.00 10.04
N LYS A 474 8.16 -12.90 8.83
CA LYS A 474 9.61 -12.82 8.64
C LYS A 474 10.04 -11.37 8.53
N VAL A 475 11.11 -11.01 9.20
CA VAL A 475 11.61 -9.64 9.14
C VAL A 475 13.01 -9.58 8.55
N LEU A 476 13.09 -9.20 7.28
CA LEU A 476 14.38 -9.02 6.61
C LEU A 476 14.85 -7.58 6.82
N LEU A 477 15.66 -7.38 7.85
CA LEU A 477 16.09 -6.03 8.21
C LEU A 477 17.39 -5.63 7.51
N LEU A 478 17.28 -4.68 6.60
CA LEU A 478 18.46 -4.13 5.93
C LEU A 478 19.04 -3.01 6.77
N ASN A 479 20.07 -3.33 7.54
CA ASN A 479 20.64 -2.40 8.51
C ASN A 479 21.84 -1.65 7.96
N ASN A 480 21.68 -0.34 7.75
CA ASN A 480 22.77 0.50 7.29
C ASN A 480 23.18 1.53 8.34
N GLN A 481 22.63 1.39 9.54
CA GLN A 481 22.94 2.26 10.67
C GLN A 481 22.64 3.74 10.38
N HIS A 482 21.81 3.99 9.39
CA HIS A 482 21.51 5.35 8.96
C HIS A 482 20.08 5.52 8.50
N LEU A 483 19.66 6.78 8.36
CA LEU A 483 18.44 7.11 7.64
C LEU A 483 18.83 7.27 6.16
N GLY A 484 19.06 6.14 5.52
CA GLY A 484 19.68 6.08 4.20
C GLY A 484 19.19 7.05 3.14
N MET A 485 17.88 7.16 2.98
CA MET A 485 17.30 8.01 1.95
C MET A 485 17.71 9.47 2.13
N VAL A 486 17.59 9.97 3.36
CA VAL A 486 17.99 11.33 3.67
C VAL A 486 19.51 11.47 3.54
N MET A 487 20.22 10.43 3.95
CA MET A 487 21.67 10.40 3.87
C MET A 487 22.15 10.47 2.42
N GLN A 488 21.41 9.85 1.52
CA GLN A 488 21.75 9.86 0.10
C GLN A 488 21.68 11.27 -0.48
N TRP A 489 20.61 11.99 -0.14
CA TRP A 489 20.43 13.36 -0.58
C TRP A 489 21.51 14.27 0.01
N GLU A 490 21.95 13.96 1.22
CA GLU A 490 23.04 14.69 1.85
C GLU A 490 24.32 14.54 1.05
N ASP A 491 24.60 13.31 0.63
CA ASP A 491 25.80 13.01 -0.14
C ASP A 491 25.83 13.72 -1.48
N ARG A 492 24.65 13.82 -2.10
CA ARG A 492 24.56 14.27 -3.48
C ARG A 492 24.24 15.76 -3.61
N PHE A 493 23.49 16.30 -2.66
CA PHE A 493 23.03 17.68 -2.77
C PHE A 493 23.53 18.60 -1.65
N TYR A 494 24.16 18.02 -0.64
CA TYR A 494 24.63 18.81 0.50
C TYR A 494 26.06 18.47 0.90
N LYS A 495 26.85 18.03 -0.08
CA LYS A 495 28.27 17.76 0.11
C LYS A 495 28.55 16.79 1.26
N ALA A 496 27.69 15.77 1.38
CA ALA A 496 27.84 14.73 2.39
C ALA A 496 27.87 15.28 3.83
N ASN A 497 27.18 16.38 4.06
CA ASN A 497 27.11 16.97 5.39
C ASN A 497 26.04 16.30 6.23
N ARG A 498 26.48 15.43 7.15
CA ARG A 498 25.56 14.68 7.99
C ARG A 498 24.77 15.56 8.94
N ALA A 499 23.45 15.51 8.83
CA ALA A 499 22.57 16.26 9.72
C ALA A 499 21.59 15.32 10.42
N HIS A 500 22.08 14.67 11.47
CA HIS A 500 21.26 13.77 12.30
C HIS A 500 20.66 12.62 11.51
N THR A 501 21.48 11.93 10.72
CA THR A 501 21.02 10.80 9.94
C THR A 501 21.66 9.49 10.40
N PHE A 502 22.59 9.59 11.35
CA PHE A 502 23.23 8.42 11.92
C PHE A 502 22.42 7.88 13.11
N LEU A 503 22.13 6.59 13.07
CA LEU A 503 21.24 5.99 14.06
C LEU A 503 21.96 5.16 15.12
N GLY A 504 23.27 5.01 14.97
CA GLY A 504 24.06 4.23 15.90
C GLY A 504 24.54 5.05 17.09
N ASP A 505 25.46 4.48 17.86
CA ASP A 505 26.02 5.17 19.00
C ASP A 505 27.39 5.75 18.66
N PRO A 506 27.51 7.08 18.66
CA PRO A 506 28.77 7.77 18.37
C PRO A 506 29.89 7.41 19.37
N ALA A 507 29.51 7.00 20.56
CA ALA A 507 30.48 6.58 21.58
C ALA A 507 31.21 5.32 21.15
N GLN A 508 30.47 4.39 20.54
CA GLN A 508 31.04 3.16 20.00
C GLN A 508 30.62 3.02 18.54
N GLU A 509 31.29 3.76 17.67
CA GLU A 509 30.82 3.95 16.30
C GLU A 509 30.88 2.69 15.44
N ASP A 510 31.83 1.80 15.72
CA ASP A 510 31.99 0.58 14.94
C ASP A 510 31.18 -0.60 15.49
N GLU A 511 30.24 -0.30 16.38
CA GLU A 511 29.34 -1.31 16.91
C GLU A 511 27.93 -1.08 16.38
N ILE A 512 27.28 -2.14 15.94
CA ILE A 512 25.92 -2.03 15.41
C ILE A 512 24.95 -1.69 16.53
N PHE A 513 24.30 -0.53 16.39
CA PHE A 513 23.39 -0.04 17.42
C PHE A 513 22.07 0.43 16.80
N PRO A 514 20.95 0.03 17.41
CA PRO A 514 20.89 -0.87 18.56
C PRO A 514 21.03 -2.34 18.16
N ASN A 515 21.12 -3.22 19.15
CA ASN A 515 21.15 -4.65 18.89
C ASN A 515 19.73 -5.16 18.65
N MET A 516 19.33 -5.20 17.40
CA MET A 516 17.96 -5.55 17.02
C MET A 516 17.62 -7.00 17.38
N LEU A 517 18.65 -7.84 17.52
CA LEU A 517 18.45 -9.23 17.89
C LEU A 517 17.84 -9.34 19.28
N LEU A 518 18.27 -8.45 20.18
CA LEU A 518 17.77 -8.45 21.55
C LEU A 518 16.34 -7.93 21.63
N PHE A 519 15.96 -7.12 20.64
CA PHE A 519 14.57 -6.68 20.53
C PHE A 519 13.67 -7.87 20.27
N ALA A 520 14.10 -8.74 19.36
CA ALA A 520 13.36 -9.95 19.03
C ALA A 520 13.36 -10.93 20.18
N ALA A 521 14.52 -11.06 20.84
CA ALA A 521 14.66 -11.97 21.97
C ALA A 521 13.77 -11.54 23.13
N ALA A 522 13.55 -10.24 23.25
CA ALA A 522 12.68 -9.69 24.28
C ALA A 522 11.25 -10.18 24.08
N CYS A 523 10.88 -10.41 22.82
CA CYS A 523 9.53 -10.87 22.49
C CYS A 523 9.52 -12.35 22.14
N GLY A 524 10.58 -13.06 22.51
CA GLY A 524 10.67 -14.49 22.28
C GLY A 524 10.68 -14.87 20.81
N ILE A 525 11.20 -13.98 19.98
CA ILE A 525 11.29 -14.23 18.55
C ILE A 525 12.73 -14.60 18.16
N PRO A 526 12.92 -15.80 17.58
CA PRO A 526 14.24 -16.24 17.14
C PRO A 526 14.83 -15.31 16.09
N ALA A 527 16.09 -14.91 16.28
CA ALA A 527 16.72 -13.96 15.39
C ALA A 527 18.19 -14.28 15.16
N ALA A 528 18.76 -13.69 14.11
CA ALA A 528 20.16 -13.89 13.78
C ALA A 528 20.69 -12.73 12.96
N ARG A 529 22.01 -12.56 12.96
CA ARG A 529 22.65 -11.48 12.20
C ARG A 529 23.63 -12.04 11.18
N VAL A 530 23.64 -11.46 9.98
CA VAL A 530 24.57 -11.87 8.94
C VAL A 530 25.34 -10.67 8.40
N THR A 531 26.65 -10.83 8.23
CA THR A 531 27.51 -9.73 7.80
C THR A 531 28.22 -10.05 6.49
N LYS A 532 28.66 -11.30 6.35
CA LYS A 532 29.38 -11.72 5.16
C LYS A 532 28.42 -12.21 4.07
N LYS A 533 28.69 -11.81 2.83
CA LYS A 533 27.81 -12.13 1.70
C LYS A 533 27.69 -13.64 1.46
N ALA A 534 28.75 -14.38 1.77
CA ALA A 534 28.77 -15.82 1.57
C ALA A 534 27.79 -16.52 2.52
N ASP A 535 27.61 -15.94 3.70
CA ASP A 535 26.74 -16.52 4.72
C ASP A 535 25.28 -16.12 4.53
N LEU A 536 25.03 -15.24 3.56
CA LEU A 536 23.72 -14.64 3.39
C LEU A 536 22.65 -15.62 2.91
N ARG A 537 23.01 -16.48 1.95
CA ARG A 537 22.05 -17.38 1.34
C ARG A 537 21.44 -18.36 2.35
N GLU A 538 22.30 -18.99 3.16
CA GLU A 538 21.82 -19.93 4.16
C GLU A 538 21.08 -19.23 5.29
N ALA A 539 21.45 -17.98 5.55
CA ALA A 539 20.81 -17.19 6.60
C ALA A 539 19.35 -16.90 6.25
N ILE A 540 19.11 -16.45 5.02
CA ILE A 540 17.76 -16.17 4.55
C ILE A 540 16.95 -17.45 4.48
N GLN A 541 17.59 -18.53 4.04
CA GLN A 541 16.96 -19.84 3.99
C GLN A 541 16.51 -20.30 5.36
N THR A 542 17.38 -20.08 6.35
CA THR A 542 17.08 -20.43 7.74
C THR A 542 15.87 -19.64 8.24
N MET A 543 15.81 -18.37 7.91
CA MET A 543 14.69 -17.50 8.28
C MET A 543 13.37 -18.05 7.76
N LEU A 544 13.39 -18.54 6.52
CA LEU A 544 12.19 -19.07 5.88
C LEU A 544 11.82 -20.44 6.43
N ASP A 545 12.82 -21.31 6.57
CA ASP A 545 12.58 -22.69 6.98
C ASP A 545 12.22 -22.81 8.46
N THR A 546 12.58 -21.79 9.24
CA THR A 546 12.23 -21.78 10.66
C THR A 546 10.77 -21.37 10.86
N PRO A 547 9.97 -22.28 11.42
CA PRO A 547 8.54 -22.03 11.66
C PRO A 547 8.30 -20.83 12.57
N GLY A 548 7.27 -20.05 12.25
CA GLY A 548 6.90 -18.90 13.07
C GLY A 548 7.69 -17.64 12.75
N PRO A 549 7.65 -16.66 13.66
CA PRO A 549 8.34 -15.37 13.50
C PRO A 549 9.85 -15.54 13.42
N TYR A 550 10.51 -14.63 12.70
CA TYR A 550 11.97 -14.66 12.59
C TYR A 550 12.50 -13.29 12.17
N LEU A 551 13.61 -12.89 12.78
CA LEU A 551 14.26 -11.63 12.43
C LEU A 551 15.68 -11.87 11.93
N LEU A 552 15.95 -11.42 10.70
CA LEU A 552 17.29 -11.51 10.15
C LEU A 552 17.91 -10.13 10.02
N ASP A 553 18.94 -9.86 10.82
CA ASP A 553 19.61 -8.57 10.79
C ASP A 553 20.71 -8.57 9.74
N VAL A 554 20.40 -8.02 8.57
CA VAL A 554 21.35 -7.97 7.46
C VAL A 554 22.15 -6.66 7.49
N ILE A 555 23.45 -6.77 7.71
CA ILE A 555 24.31 -5.60 7.79
C ILE A 555 24.86 -5.22 6.42
N CYS A 556 24.57 -3.99 6.00
CA CYS A 556 25.02 -3.49 4.70
C CYS A 556 25.80 -2.20 4.86
N PRO A 557 26.75 -1.94 3.94
CA PRO A 557 27.48 -0.66 3.95
C PRO A 557 26.53 0.50 3.68
N HIS A 558 26.71 1.61 4.40
CA HIS A 558 25.79 2.73 4.31
C HIS A 558 26.10 3.66 3.13
N GLN A 559 27.18 3.38 2.42
CA GLN A 559 27.59 4.23 1.31
C GLN A 559 26.79 3.96 0.04
N GLU A 560 25.91 2.96 0.09
CA GLU A 560 25.10 2.59 -1.06
C GLU A 560 24.07 3.67 -1.41
N HIS A 561 23.89 3.90 -2.71
CA HIS A 561 22.89 4.84 -3.19
C HIS A 561 21.86 4.14 -4.08
N VAL A 562 20.62 4.61 -4.04
CA VAL A 562 19.58 4.07 -4.90
C VAL A 562 19.71 4.63 -6.31
N LEU A 563 19.86 3.75 -7.29
CA LEU A 563 20.03 4.15 -8.68
C LEU A 563 19.07 3.38 -9.58
N PRO A 564 18.66 4.00 -10.70
CA PRO A 564 19.00 5.37 -11.08
C PRO A 564 18.13 6.41 -10.39
N MET A 565 18.42 7.69 -10.61
CA MET A 565 17.65 8.74 -9.95
C MET A 565 17.43 9.95 -10.86
N ILE A 566 16.17 10.33 -11.01
CA ILE A 566 15.81 11.58 -11.66
C ILE A 566 15.45 12.60 -10.58
N PRO A 567 16.24 13.67 -10.47
CA PRO A 567 16.01 14.72 -9.47
C PRO A 567 14.61 15.31 -9.54
N SER A 568 14.13 15.84 -8.42
CA SER A 568 12.78 16.39 -8.34
CA SER A 568 12.78 16.39 -8.34
C SER A 568 12.56 17.48 -9.39
N GLY A 569 11.46 17.37 -10.13
CA GLY A 569 11.13 18.33 -11.16
C GLY A 569 12.03 18.22 -12.37
N GLY A 570 12.75 17.09 -12.46
CA GLY A 570 13.69 16.88 -13.55
C GLY A 570 13.09 16.12 -14.71
N THR A 571 13.89 15.96 -15.77
CA THR A 571 13.46 15.23 -16.96
C THR A 571 14.27 13.97 -17.14
N PHE A 572 14.01 13.23 -18.21
CA PHE A 572 14.72 11.98 -18.48
C PHE A 572 16.20 12.23 -18.75
N ASN A 573 16.52 13.39 -19.30
CA ASN A 573 17.90 13.74 -19.61
C ASN A 573 18.71 14.04 -18.34
N ASP A 574 18.02 14.21 -17.23
CA ASP A 574 18.67 14.55 -15.97
C ASP A 574 18.94 13.31 -15.11
N VAL A 575 18.69 12.13 -15.67
CA VAL A 575 18.79 10.89 -14.91
C VAL A 575 20.24 10.63 -14.45
N ILE A 576 20.38 10.18 -13.21
CA ILE A 576 21.69 9.86 -12.65
C ILE A 576 21.86 8.35 -12.59
N THR A 577 22.93 7.85 -13.20
CA THR A 577 23.14 6.40 -13.30
C THR A 577 24.36 5.92 -12.51
N GLU A 578 25.20 6.85 -12.08
CA GLU A 578 26.43 6.50 -11.37
C GLU A 578 26.57 7.24 -10.05
N GLY A 579 27.45 6.73 -9.18
CA GLY A 579 27.79 7.43 -7.95
C GLY A 579 27.25 6.82 -6.67
N ASP A 580 28.02 6.96 -5.59
CA ASP A 580 27.58 6.52 -4.27
C ASP A 580 28.15 7.44 -3.19
N GLY A 581 28.14 6.96 -1.94
CA GLY A 581 28.62 7.73 -0.82
C GLY A 581 30.09 7.52 -0.52
N ARG A 582 30.78 6.82 -1.43
CA ARG A 582 32.21 6.54 -1.27
C ARG A 582 33.05 7.58 -2.00
N LEU A 583 34.32 7.67 -1.62
CA LEU A 583 35.25 8.62 -2.23
C LEU A 583 36.36 7.91 -2.99
#